data_3IBA
#
_entry.id   3IBA
#
_cell.length_a   58.344
_cell.length_b   58.344
_cell.length_c   390.404
_cell.angle_alpha   90.00
_cell.angle_beta   90.00
_cell.angle_gamma   120.00
#
_symmetry.space_group_name_H-M   'P 61 2 2'
#
loop_
_entity.id
_entity.type
_entity.pdbx_description
1 polymer 'Farnesyl pyrophosphate synthase'
2 non-polymer 'MAGNESIUM ION'
3 non-polymer 'ZOLEDRONIC ACID'
4 non-polymer 'SULFATE ION'
5 non-polymer '3-METHYLBUT-3-ENYL TRIHYDROGEN DIPHOSPHATE'
6 water water
#
_entity_poly.entity_id   1
_entity_poly.type   'polypeptide(L)'
_entity_poly.pdbx_seq_one_letter_code
;MASMERFLSVYDEVQAFLLDQLQSKYEIDPNRARYLRIMMDTTCLGGKYFRGMTVVNVAEGFLAVTQHDEATKERILHDA
CVGGWMIEFLQAHYLVEDDIMDGSVMRRGKPCWYRFPGVTTQCAINDGIILKSWTQIMAWHYFADRPFLKDLLCLFQKVD
YATAVGQMYDVTSMCDSNKLDPEVAQPMTTDFAEFTPAIYKRIVKYKTTFYTYLLPLVMGLFVSEAAASVEMNLVERVAH
LIGEYFQVQDDVMDCFTPPEQLGKVGTDIEDAKCSWLAVTFLGKANAAQVAEFKANYGDKDPAKVAVVKRLYSEANLQAD
FAAYEAEVVREVESLIEQLKVKSPTFAESVAVVWEKTHKRKK
;
_entity_poly.pdbx_strand_id   A
#
loop_
_chem_comp.id
_chem_comp.type
_chem_comp.name
_chem_comp.formula
IPE non-polymer '3-METHYLBUT-3-ENYL TRIHYDROGEN DIPHOSPHATE' 'C5 H12 O7 P2'
MG non-polymer 'MAGNESIUM ION' 'Mg 2'
SO4 non-polymer 'SULFATE ION' 'O4 S -2'
ZOL non-polymer 'ZOLEDRONIC ACID' 'C5 H10 N2 O7 P2'
#
# COMPACT_ATOMS: atom_id res chain seq x y z
N MET A 1 -11.81 16.10 8.54
CA MET A 1 -11.85 15.45 9.88
C MET A 1 -10.85 16.11 10.84
N ALA A 2 -11.30 16.36 12.06
CA ALA A 2 -10.47 16.96 13.10
C ALA A 2 -9.29 16.07 13.49
N SER A 3 -9.55 14.77 13.57
CA SER A 3 -8.53 13.77 13.90
C SER A 3 -7.44 13.71 12.84
N MET A 4 -7.84 13.84 11.57
CA MET A 4 -6.92 13.79 10.44
C MET A 4 -6.05 15.05 10.36
N GLU A 5 -6.59 16.18 10.80
CA GLU A 5 -5.86 17.45 10.81
C GLU A 5 -4.82 17.52 11.94
N ARG A 6 -5.08 16.81 13.03
CA ARG A 6 -4.10 16.69 14.12
C ARG A 6 -2.96 15.75 13.72
N PHE A 7 -3.30 14.78 12.86
CA PHE A 7 -2.31 13.87 12.28
C PHE A 7 -1.41 14.62 11.30
N LEU A 8 -2.00 15.55 10.56
CA LEU A 8 -1.27 16.38 9.60
C LEU A 8 -0.38 17.42 10.28
N SER A 9 -0.75 17.82 11.50
CA SER A 9 0.05 18.78 12.27
C SER A 9 1.35 18.15 12.75
N VAL A 10 1.34 16.83 12.90
CA VAL A 10 2.54 16.08 13.27
C VAL A 10 3.47 15.95 12.07
N TYR A 11 2.88 15.83 10.87
CA TYR A 11 3.64 15.89 9.62
C TYR A 11 4.47 17.17 9.52
N ASP A 12 3.85 18.28 9.88
CA ASP A 12 4.52 19.59 9.87
C ASP A 12 5.68 19.64 10.86
N GLU A 13 5.50 19.01 12.02
CA GLU A 13 6.57 18.86 13.01
C GLU A 13 7.71 18.03 12.44
N VAL A 14 7.37 16.90 11.83
CA VAL A 14 8.34 15.99 11.22
C VAL A 14 9.10 16.68 10.08
N GLN A 15 8.36 17.38 9.22
CA GLN A 15 8.96 18.11 8.11
C GLN A 15 9.92 19.20 8.61
N ALA A 16 9.51 19.92 9.65
CA ALA A 16 10.34 20.95 10.25
C ALA A 16 11.65 20.37 10.81
N PHE A 17 11.56 19.26 11.52
CA PHE A 17 12.74 18.60 12.07
C PHE A 17 13.70 18.08 11.00
N LEU A 18 13.15 17.44 9.96
CA LEU A 18 13.95 16.85 8.89
C LEU A 18 14.68 17.91 8.05
N LEU A 19 14.00 19.03 7.80
CA LEU A 19 14.55 20.11 6.98
C LEU A 19 15.55 20.98 7.75
N ASP A 20 15.31 21.16 9.05
CA ASP A 20 16.24 21.86 9.92
C ASP A 20 17.52 21.04 10.16
N GLN A 21 17.38 19.71 10.14
CA GLN A 21 18.52 18.81 10.30
C GLN A 21 19.43 18.84 9.09
N LEU A 22 18.84 18.85 7.90
CA LEU A 22 19.59 19.02 6.65
C LEU A 22 20.37 20.33 6.64
N GLN A 23 19.74 21.37 7.19
CA GLN A 23 20.36 22.69 7.32
C GLN A 23 21.53 22.67 8.31
N SER A 24 21.30 22.07 9.48
CA SER A 24 22.26 22.13 10.58
C SER A 24 23.36 21.07 10.55
N LYS A 25 23.07 19.92 9.95
CA LYS A 25 24.03 18.81 9.95
C LYS A 25 24.51 18.36 8.56
N TYR A 26 23.75 18.70 7.52
CA TYR A 26 24.04 18.19 6.18
C TYR A 26 24.41 19.27 5.17
N GLU A 27 24.62 20.50 5.66
CA GLU A 27 25.15 21.62 4.86
C GLU A 27 24.32 21.97 3.62
N ILE A 28 23.01 21.75 3.71
CA ILE A 28 22.12 22.00 2.59
C ILE A 28 21.91 23.50 2.34
N ASP A 29 21.65 23.84 1.08
CA ASP A 29 21.30 25.19 0.66
C ASP A 29 19.77 25.35 0.66
N PRO A 30 19.27 26.60 0.82
CA PRO A 30 17.83 26.86 0.86
C PRO A 30 17.04 26.34 -0.35
N ASN A 31 17.68 26.37 -1.52
CA ASN A 31 17.04 25.94 -2.77
C ASN A 31 16.82 24.43 -2.85
N ARG A 32 17.78 23.66 -2.33
CA ARG A 32 17.66 22.20 -2.27
C ARG A 32 16.80 21.76 -1.10
N ALA A 33 16.76 22.58 -0.05
CA ALA A 33 15.86 22.37 1.07
C ALA A 33 14.41 22.58 0.63
N ARG A 34 14.20 23.57 -0.25
CA ARG A 34 12.91 23.85 -0.85
C ARG A 34 12.45 22.68 -1.74
N TYR A 35 13.38 22.18 -2.56
CA TYR A 35 13.10 21.05 -3.47
C TYR A 35 12.61 19.82 -2.71
N LEU A 36 13.31 19.46 -1.64
CA LEU A 36 12.95 18.29 -0.82
C LEU A 36 11.66 18.50 -0.03
N ARG A 37 11.34 19.76 0.30
CA ARG A 37 10.08 20.11 0.94
C ARG A 37 8.90 19.88 -0.01
N ILE A 38 9.05 20.33 -1.26
CA ILE A 38 8.06 20.09 -2.30
C ILE A 38 7.97 18.59 -2.61
N MET A 39 9.12 17.92 -2.65
CA MET A 39 9.19 16.48 -2.86
C MET A 39 8.44 15.72 -1.77
N MET A 40 8.65 16.10 -0.51
CA MET A 40 7.99 15.47 0.63
C MET A 40 6.47 15.66 0.56
N ASP A 41 6.05 16.88 0.23
CA ASP A 41 4.62 17.22 0.15
C ASP A 41 3.89 16.50 -0.99
N THR A 42 4.54 16.43 -2.15
CA THR A 42 3.94 15.87 -3.34
C THR A 42 3.82 14.34 -3.25
N THR A 43 4.77 13.72 -2.56
CA THR A 43 4.83 12.26 -2.46
C THR A 43 4.13 11.69 -1.24
N CYS A 44 4.07 12.46 -0.15
CA CYS A 44 3.49 11.98 1.11
C CYS A 44 2.05 12.44 1.36
N LEU A 45 1.66 13.55 0.75
CA LEU A 45 0.33 14.12 0.97
C LEU A 45 -0.58 13.98 -0.26
N GLY A 46 -1.87 14.19 -0.06
CA GLY A 46 -2.86 14.11 -1.13
C GLY A 46 -3.67 12.82 -1.13
N GLY A 47 -3.28 11.89 -0.27
CA GLY A 47 -3.96 10.60 -0.17
C GLY A 47 -5.04 10.57 0.90
N LYS A 48 -5.52 9.37 1.21
CA LYS A 48 -6.58 9.18 2.19
C LYS A 48 -6.03 8.99 3.60
N TYR A 49 -4.74 8.66 3.69
CA TYR A 49 -4.04 8.38 4.96
C TYR A 49 -4.63 7.20 5.73
N PHE A 50 -5.10 6.19 4.99
CA PHE A 50 -5.64 4.96 5.57
C PHE A 50 -4.65 4.25 6.51
N ARG A 51 -3.41 4.11 6.05
CA ARG A 51 -2.36 3.43 6.82
C ARG A 51 -1.98 4.22 8.07
N GLY A 52 -1.80 5.52 7.90
CA GLY A 52 -1.45 6.41 9.00
C GLY A 52 -2.53 6.52 10.06
N MET A 53 -3.78 6.66 9.63
CA MET A 53 -4.91 6.79 10.56
C MET A 53 -5.31 5.48 11.22
N THR A 54 -4.82 4.36 10.70
CA THR A 54 -5.01 3.04 11.32
C THR A 54 -4.22 2.95 12.62
N VAL A 55 -2.97 3.41 12.60
CA VAL A 55 -2.11 3.44 13.78
C VAL A 55 -2.74 4.26 14.91
N VAL A 56 -3.26 5.44 14.54
CA VAL A 56 -3.93 6.32 15.49
C VAL A 56 -5.18 5.65 16.07
N ASN A 57 -5.97 5.02 15.20
CA ASN A 57 -7.20 4.34 15.60
C ASN A 57 -6.99 3.21 16.61
N VAL A 58 -5.99 2.35 16.32
CA VAL A 58 -5.63 1.26 17.22
C VAL A 58 -5.20 1.78 18.59
N ALA A 59 -4.39 2.83 18.60
CA ALA A 59 -3.91 3.45 19.83
C ALA A 59 -5.03 4.14 20.62
N GLU A 60 -5.94 4.81 19.91
CA GLU A 60 -7.07 5.50 20.54
C GLU A 60 -8.00 4.52 21.26
N GLY A 61 -8.14 3.31 20.69
CA GLY A 61 -8.96 2.26 21.28
C GLY A 61 -8.44 1.80 22.64
N PHE A 62 -7.15 1.51 22.70
CA PHE A 62 -6.51 1.08 23.96
C PHE A 62 -6.46 2.20 25.00
N LEU A 63 -6.35 3.45 24.53
CA LEU A 63 -6.37 4.61 25.42
C LEU A 63 -7.71 4.79 26.13
N ALA A 64 -8.79 4.31 25.52
CA ALA A 64 -10.14 4.43 26.07
C ALA A 64 -10.40 3.46 27.22
N VAL A 65 -9.62 2.39 27.28
CA VAL A 65 -9.84 1.32 28.27
C VAL A 65 -8.70 1.16 29.28
N THR A 66 -7.57 1.81 29.02
CA THR A 66 -6.39 1.70 29.87
C THR A 66 -6.15 3.00 30.65
N GLN A 67 -5.67 2.89 31.88
CA GLN A 67 -5.42 4.07 32.71
C GLN A 67 -4.02 4.65 32.48
N HIS A 68 -3.99 5.93 32.11
CA HIS A 68 -2.75 6.66 31.91
C HIS A 68 -2.89 8.07 32.50
N ASP A 69 -1.77 8.67 32.87
CA ASP A 69 -1.72 10.10 33.16
C ASP A 69 -1.98 10.87 31.86
N GLU A 70 -2.51 12.08 32.00
CA GLU A 70 -2.84 12.92 30.83
C GLU A 70 -1.66 13.11 29.88
N ALA A 71 -0.46 13.28 30.43
CA ALA A 71 0.77 13.48 29.66
C ALA A 71 1.20 12.20 28.92
N THR A 72 0.90 11.04 29.50
CA THR A 72 1.19 9.76 28.87
C THR A 72 0.26 9.54 27.67
N LYS A 73 -1.00 9.97 27.80
CA LYS A 73 -1.97 9.93 26.71
C LYS A 73 -1.51 10.79 25.53
N GLU A 74 -0.93 11.95 25.84
CA GLU A 74 -0.38 12.85 24.83
C GLU A 74 0.86 12.24 24.15
N ARG A 75 1.65 11.51 24.94
CA ARG A 75 2.84 10.82 24.44
C ARG A 75 2.48 9.72 23.45
N ILE A 76 1.51 8.89 23.82
CA ILE A 76 1.08 7.76 22.99
C ILE A 76 0.45 8.22 21.68
N LEU A 77 -0.38 9.26 21.74
CA LEU A 77 -1.02 9.82 20.55
C LEU A 77 -0.02 10.43 19.58
N HIS A 78 1.00 11.07 20.12
CA HIS A 78 2.10 11.63 19.31
C HIS A 78 2.95 10.51 18.70
N ASP A 79 3.18 9.45 19.47
CA ASP A 79 3.91 8.26 18.99
C ASP A 79 3.17 7.60 17.83
N ALA A 80 1.84 7.47 17.98
CA ALA A 80 0.98 6.87 16.97
C ALA A 80 0.99 7.66 15.66
N CYS A 81 1.01 8.99 15.77
CA CYS A 81 1.08 9.87 14.61
C CYS A 81 2.44 9.77 13.90
N VAL A 82 3.51 9.75 14.68
CA VAL A 82 4.87 9.62 14.13
C VAL A 82 5.06 8.25 13.47
N GLY A 83 4.61 7.19 14.16
CA GLY A 83 4.63 5.84 13.60
C GLY A 83 3.75 5.71 12.36
N GLY A 84 2.65 6.46 12.34
CA GLY A 84 1.76 6.52 11.17
C GLY A 84 2.41 7.17 9.97
N TRP A 85 3.20 8.22 10.21
CA TRP A 85 3.90 8.91 9.13
C TRP A 85 5.09 8.12 8.59
N MET A 86 5.68 7.28 9.44
CA MET A 86 6.72 6.36 9.00
C MET A 86 6.22 5.43 7.89
N ILE A 87 4.97 4.98 8.03
CA ILE A 87 4.34 4.11 7.03
C ILE A 87 3.92 4.89 5.78
N GLU A 88 3.38 6.10 5.99
CA GLU A 88 3.01 6.97 4.88
C GLU A 88 4.23 7.36 4.03
N PHE A 89 5.35 7.59 4.70
CA PHE A 89 6.64 7.86 4.04
C PHE A 89 7.21 6.60 3.36
N LEU A 90 6.98 5.44 3.97
CA LEU A 90 7.41 4.17 3.40
C LEU A 90 6.59 3.81 2.16
N GLN A 91 5.29 4.10 2.21
CA GLN A 91 4.41 3.96 1.06
C GLN A 91 4.84 4.91 -0.06
N ALA A 92 5.14 6.16 0.32
CA ALA A 92 5.60 7.17 -0.63
C ALA A 92 6.83 6.71 -1.40
N HIS A 93 7.79 6.11 -0.69
CA HIS A 93 8.97 5.52 -1.30
C HIS A 93 8.59 4.49 -2.39
N TYR A 94 7.67 3.60 -2.05
CA TYR A 94 7.27 2.54 -2.96
C TYR A 94 6.42 3.05 -4.12
N LEU A 95 5.61 4.06 -3.84
CA LEU A 95 4.77 4.71 -4.86
C LEU A 95 5.61 5.41 -5.93
N VAL A 96 6.68 6.08 -5.49
CA VAL A 96 7.61 6.79 -6.39
C VAL A 96 8.31 5.84 -7.35
N GLU A 97 8.83 4.73 -6.82
CA GLU A 97 9.54 3.75 -7.64
C GLU A 97 8.56 2.92 -8.48
N ASP A 98 7.40 2.59 -7.90
CA ASP A 98 6.36 1.83 -8.59
C ASP A 98 5.87 2.53 -9.87
N ASP A 99 5.70 3.84 -9.81
CA ASP A 99 5.22 4.63 -10.94
C ASP A 99 6.20 4.62 -12.12
N ILE A 100 7.49 4.66 -11.81
CA ILE A 100 8.54 4.55 -12.82
C ILE A 100 8.51 3.18 -13.49
N MET A 101 8.44 2.13 -12.68
CA MET A 101 8.44 0.74 -13.15
C MET A 101 7.21 0.40 -14.00
N ASP A 102 6.07 0.99 -13.63
CA ASP A 102 4.81 0.73 -14.32
C ASP A 102 4.54 1.73 -15.45
N GLY A 103 5.34 2.78 -15.52
CA GLY A 103 5.17 3.83 -16.53
C GLY A 103 3.87 4.58 -16.38
N SER A 104 3.53 4.90 -15.13
CA SER A 104 2.27 5.59 -14.81
C SER A 104 2.36 7.09 -15.08
N VAL A 105 1.20 7.71 -15.26
CA VAL A 105 1.10 9.11 -15.65
C VAL A 105 0.73 10.01 -14.47
N MET A 106 -0.31 9.64 -13.73
CA MET A 106 -0.74 10.45 -12.59
C MET A 106 -0.88 9.68 -11.27
N ARG A 107 -0.57 10.37 -10.18
CA ARG A 107 -0.68 9.86 -8.82
C ARG A 107 -1.53 10.86 -8.03
N ARG A 108 -2.66 10.38 -7.50
CA ARG A 108 -3.66 11.21 -6.82
C ARG A 108 -3.89 12.61 -7.40
N GLY A 109 -4.38 12.64 -8.63
CA GLY A 109 -4.81 13.88 -9.29
C GLY A 109 -3.70 14.72 -9.90
N LYS A 110 -2.46 14.38 -9.60
CA LYS A 110 -1.30 15.12 -10.09
C LYS A 110 -0.36 14.19 -10.86
N PRO A 111 0.49 14.75 -11.75
CA PRO A 111 1.47 13.91 -12.43
C PRO A 111 2.31 13.10 -11.43
N CYS A 112 2.70 11.89 -11.83
CA CYS A 112 3.60 11.09 -11.01
C CYS A 112 4.88 11.88 -10.76
N TRP A 113 5.53 11.62 -9.63
CA TRP A 113 6.70 12.41 -9.23
C TRP A 113 7.77 12.50 -10.32
N TYR A 114 8.07 11.36 -10.96
CA TYR A 114 9.09 11.31 -12.01
C TYR A 114 8.66 12.04 -13.29
N ARG A 115 7.35 12.27 -13.45
CA ARG A 115 6.80 12.95 -14.63
C ARG A 115 7.00 14.47 -14.56
N PHE A 116 7.14 15.00 -13.36
CA PHE A 116 7.44 16.42 -13.15
C PHE A 116 8.63 16.84 -14.01
N PRO A 117 8.51 17.98 -14.73
CA PRO A 117 9.55 18.43 -15.66
C PRO A 117 10.91 18.64 -15.00
N GLY A 118 10.91 19.23 -13.81
CA GLY A 118 12.15 19.49 -13.08
C GLY A 118 12.62 18.36 -12.19
N VAL A 119 12.05 17.17 -12.37
CA VAL A 119 12.42 15.99 -11.58
C VAL A 119 13.07 14.93 -12.46
N THR A 120 12.29 14.35 -13.37
CA THR A 120 12.71 13.22 -14.23
C THR A 120 13.02 11.94 -13.43
N THR A 121 13.09 10.81 -14.13
CA THR A 121 13.37 9.50 -13.53
C THR A 121 14.69 9.52 -12.74
N GLN A 122 15.70 10.15 -13.33
CA GLN A 122 17.04 10.29 -12.73
C GLN A 122 17.02 10.75 -11.27
N CYS A 123 16.32 11.85 -11.00
CA CYS A 123 16.21 12.39 -9.64
C CYS A 123 15.23 11.60 -8.77
N ALA A 124 14.18 11.05 -9.40
CA ALA A 124 13.09 10.38 -8.69
C ALA A 124 13.51 9.09 -7.99
N ILE A 125 14.45 8.35 -8.58
CA ILE A 125 14.98 7.13 -7.96
C ILE A 125 15.62 7.45 -6.61
N ASN A 126 16.44 8.50 -6.57
CA ASN A 126 17.09 8.92 -5.34
C ASN A 126 16.14 9.57 -4.34
N ASP A 127 15.15 10.29 -4.85
CA ASP A 127 14.12 10.91 -4.02
C ASP A 127 13.33 9.84 -3.25
N GLY A 128 13.01 8.74 -3.92
CA GLY A 128 12.36 7.59 -3.31
C GLY A 128 13.22 6.95 -2.23
N ILE A 129 14.51 6.81 -2.51
CA ILE A 129 15.49 6.28 -1.55
C ILE A 129 15.57 7.17 -0.30
N ILE A 130 15.57 8.48 -0.53
CA ILE A 130 15.53 9.48 0.55
C ILE A 130 14.29 9.33 1.43
N LEU A 131 13.14 9.07 0.81
CA LEU A 131 11.87 8.89 1.52
C LEU A 131 11.90 7.73 2.51
N LYS A 132 12.49 6.60 2.09
CA LYS A 132 12.68 5.44 2.95
C LYS A 132 13.66 5.75 4.07
N SER A 133 14.71 6.50 3.73
CA SER A 133 15.75 6.88 4.69
C SER A 133 15.18 7.76 5.81
N TRP A 134 14.24 8.64 5.44
CA TRP A 134 13.57 9.51 6.41
C TRP A 134 12.80 8.75 7.49
N THR A 135 12.27 7.58 7.14
CA THR A 135 11.51 6.75 8.08
C THR A 135 12.39 6.30 9.26
N GLN A 136 13.65 5.99 8.96
CA GLN A 136 14.61 5.56 9.96
C GLN A 136 15.11 6.74 10.80
N ILE A 137 15.27 7.90 10.16
CA ILE A 137 15.62 9.14 10.86
C ILE A 137 14.53 9.49 11.88
N MET A 138 13.27 9.34 11.46
CA MET A 138 12.09 9.52 12.32
C MET A 138 12.13 8.61 13.55
N ALA A 139 12.33 7.31 13.33
CA ALA A 139 12.28 6.31 14.40
C ALA A 139 13.35 6.55 15.46
N TRP A 140 14.60 6.69 15.01
CA TRP A 140 15.73 6.88 15.91
C TRP A 140 15.65 8.18 16.72
N HIS A 141 15.09 9.23 16.13
CA HIS A 141 14.92 10.50 16.84
C HIS A 141 13.74 10.48 17.80
N TYR A 142 12.56 10.13 17.30
CA TYR A 142 11.33 10.21 18.09
C TYR A 142 11.15 9.06 19.08
N PHE A 143 11.57 7.86 18.69
CA PHE A 143 11.38 6.68 19.53
C PHE A 143 12.69 6.22 20.20
N ALA A 144 13.61 7.15 20.40
CA ALA A 144 14.95 6.86 20.92
C ALA A 144 14.98 6.08 22.23
N ASP A 145 14.22 6.54 23.23
CA ASP A 145 14.21 5.93 24.56
C ASP A 145 13.02 4.98 24.78
N ARG A 146 12.27 4.71 23.72
CA ARG A 146 11.06 3.89 23.82
C ARG A 146 11.39 2.40 23.88
N PRO A 147 10.65 1.63 24.71
CA PRO A 147 10.89 0.19 24.86
C PRO A 147 10.54 -0.63 23.61
N PHE A 148 9.69 -0.07 22.74
CA PHE A 148 9.28 -0.77 21.52
C PHE A 148 10.21 -0.56 20.32
N LEU A 149 11.23 0.27 20.51
CA LEU A 149 12.15 0.66 19.42
C LEU A 149 12.76 -0.52 18.68
N LYS A 150 13.34 -1.46 19.41
CA LYS A 150 13.95 -2.67 18.84
C LYS A 150 12.98 -3.48 17.99
N ASP A 151 11.79 -3.72 18.53
CA ASP A 151 10.75 -4.50 17.86
C ASP A 151 10.17 -3.76 16.64
N LEU A 152 10.00 -2.45 16.77
CA LEU A 152 9.50 -1.61 15.68
C LEU A 152 10.45 -1.64 14.48
N LEU A 153 11.73 -1.43 14.74
CA LEU A 153 12.76 -1.41 13.68
C LEU A 153 12.90 -2.77 13.01
N CYS A 154 12.77 -3.85 13.80
CA CYS A 154 12.88 -5.21 13.29
C CYS A 154 11.71 -5.56 12.36
N LEU A 155 10.49 -5.20 12.78
CA LEU A 155 9.30 -5.44 11.98
C LEU A 155 9.30 -4.59 10.71
N PHE A 156 9.68 -3.32 10.86
CA PHE A 156 9.75 -2.37 9.74
C PHE A 156 10.68 -2.89 8.64
N GLN A 157 11.80 -3.49 9.05
CA GLN A 157 12.77 -4.10 8.15
C GLN A 157 12.18 -5.30 7.38
N LYS A 158 11.49 -6.19 8.10
CA LYS A 158 10.89 -7.38 7.51
C LYS A 158 9.76 -7.03 6.54
N VAL A 159 8.93 -6.06 6.94
CA VAL A 159 7.81 -5.58 6.13
C VAL A 159 8.31 -4.93 4.84
N ASP A 160 9.34 -4.10 4.97
CA ASP A 160 9.98 -3.42 3.82
C ASP A 160 10.58 -4.41 2.83
N TYR A 161 11.25 -5.44 3.35
CA TYR A 161 11.84 -6.50 2.54
C TYR A 161 10.77 -7.28 1.79
N ALA A 162 9.69 -7.62 2.50
CA ALA A 162 8.55 -8.32 1.92
C ALA A 162 7.95 -7.56 0.75
N THR A 163 7.81 -6.25 0.88
CA THR A 163 7.27 -5.40 -0.17
C THR A 163 8.18 -5.36 -1.40
N ALA A 164 9.48 -5.23 -1.18
CA ALA A 164 10.48 -5.21 -2.26
C ALA A 164 10.52 -6.54 -3.01
N VAL A 165 10.43 -7.65 -2.27
CA VAL A 165 10.30 -8.99 -2.84
C VAL A 165 8.97 -9.10 -3.61
N GLY A 166 7.90 -8.55 -3.04
CA GLY A 166 6.59 -8.52 -3.69
C GLY A 166 6.58 -7.76 -5.01
N GLN A 167 7.24 -6.60 -5.04
CA GLN A 167 7.35 -5.79 -6.26
C GLN A 167 8.10 -6.54 -7.36
N MET A 168 9.09 -7.31 -6.95
CA MET A 168 9.85 -8.20 -7.83
C MET A 168 8.93 -9.25 -8.49
N TYR A 169 8.07 -9.88 -7.69
CA TYR A 169 7.07 -10.84 -8.21
C TYR A 169 6.13 -10.17 -9.20
N ASP A 170 5.67 -8.96 -8.85
CA ASP A 170 4.72 -8.20 -9.65
C ASP A 170 5.28 -7.74 -11.00
N VAL A 171 6.50 -7.21 -10.98
CA VAL A 171 7.12 -6.64 -12.18
C VAL A 171 7.56 -7.70 -13.21
N THR A 172 7.60 -8.96 -12.78
CA THR A 172 8.01 -10.06 -13.65
C THR A 172 6.87 -11.08 -13.83
N SER A 173 5.65 -10.66 -13.52
CA SER A 173 4.48 -11.55 -13.54
C SER A 173 3.95 -11.86 -14.95
N MET A 174 4.32 -11.03 -15.93
CA MET A 174 3.86 -11.19 -17.31
C MET A 174 4.81 -12.01 -18.19
N CYS A 175 5.83 -12.57 -17.58
CA CYS A 175 6.75 -13.46 -18.28
C CYS A 175 6.89 -14.81 -17.58
N ASP A 176 7.25 -15.83 -18.35
CA ASP A 176 7.36 -17.20 -17.84
C ASP A 176 8.58 -17.39 -16.94
N SER A 177 8.36 -18.06 -15.81
CA SER A 177 9.41 -18.28 -14.82
C SER A 177 10.62 -19.04 -15.38
N ASN A 178 10.36 -20.09 -16.15
CA ASN A 178 11.42 -20.91 -16.74
C ASN A 178 12.28 -20.18 -17.78
N LYS A 179 11.78 -19.03 -18.25
CA LYS A 179 12.46 -18.23 -19.27
C LYS A 179 13.19 -17.03 -18.65
N LEU A 180 13.15 -16.92 -17.33
CA LEU A 180 13.82 -15.82 -16.61
C LEU A 180 15.34 -15.94 -16.68
N ASP A 181 15.98 -14.87 -17.19
CA ASP A 181 17.41 -14.85 -17.44
C ASP A 181 17.85 -13.39 -17.58
N PRO A 182 18.76 -12.93 -16.69
CA PRO A 182 19.33 -11.58 -16.81
C PRO A 182 20.08 -11.35 -18.12
N GLU A 183 20.58 -12.42 -18.72
CA GLU A 183 21.38 -12.35 -19.95
C GLU A 183 20.55 -12.16 -21.21
N VAL A 184 19.31 -12.65 -21.20
CA VAL A 184 18.43 -12.62 -22.38
C VAL A 184 17.17 -11.80 -22.11
N ALA A 185 16.86 -10.89 -23.04
CA ALA A 185 15.68 -10.02 -22.94
C ALA A 185 14.39 -10.81 -22.74
N GLN A 186 13.57 -10.35 -21.79
CA GLN A 186 12.39 -11.09 -21.33
C GLN A 186 11.18 -10.93 -22.24
N PRO A 187 10.74 -12.03 -22.89
CA PRO A 187 9.53 -11.98 -23.70
C PRO A 187 8.28 -12.23 -22.86
N MET A 188 7.19 -11.54 -23.23
CA MET A 188 5.90 -11.68 -22.57
C MET A 188 5.33 -13.09 -22.77
N THR A 189 4.64 -13.59 -21.74
CA THR A 189 4.00 -14.91 -21.78
C THR A 189 2.99 -15.03 -22.92
N THR A 190 2.86 -16.25 -23.45
CA THR A 190 1.92 -16.52 -24.53
C THR A 190 0.78 -17.42 -24.07
N ASP A 191 1.05 -18.28 -23.09
CA ASP A 191 0.05 -19.22 -22.56
C ASP A 191 -0.71 -18.67 -21.35
N PHE A 192 -0.12 -17.68 -20.68
CA PHE A 192 -0.68 -17.09 -19.46
C PHE A 192 -0.93 -18.12 -18.36
N ALA A 193 -0.05 -19.13 -18.30
CA ALA A 193 -0.18 -20.25 -17.36
C ALA A 193 0.06 -19.87 -15.92
N GLU A 194 0.80 -18.78 -15.70
CA GLU A 194 1.07 -18.29 -14.35
C GLU A 194 0.06 -17.24 -13.88
N PHE A 195 -1.03 -17.10 -14.62
CA PHE A 195 -2.14 -16.23 -14.24
C PHE A 195 -3.18 -17.04 -13.47
N THR A 196 -2.79 -17.51 -12.29
CA THR A 196 -3.65 -18.34 -11.44
C THR A 196 -3.99 -17.58 -10.16
N PRO A 197 -5.11 -17.96 -9.50
CA PRO A 197 -5.46 -17.37 -8.21
C PRO A 197 -4.38 -17.55 -7.14
N ALA A 198 -3.72 -18.71 -7.14
CA ALA A 198 -2.67 -19.02 -6.18
C ALA A 198 -1.44 -18.12 -6.37
N ILE A 199 -1.03 -17.92 -7.62
CA ILE A 199 0.11 -17.07 -7.94
C ILE A 199 -0.22 -15.59 -7.71
N TYR A 200 -1.45 -15.20 -8.06
CA TYR A 200 -1.94 -13.85 -7.78
C TYR A 200 -1.87 -13.54 -6.29
N LYS A 201 -2.28 -14.50 -5.46
CA LYS A 201 -2.30 -14.34 -4.01
C LYS A 201 -0.90 -14.16 -3.42
N ARG A 202 0.10 -14.81 -4.01
CA ARG A 202 1.49 -14.69 -3.58
C ARG A 202 2.00 -13.26 -3.83
N ILE A 203 1.81 -12.78 -5.05
CA ILE A 203 2.20 -11.42 -5.44
C ILE A 203 1.59 -10.38 -4.48
N VAL A 204 0.27 -10.40 -4.37
CA VAL A 204 -0.48 -9.44 -3.55
C VAL A 204 -0.07 -9.49 -2.07
N LYS A 205 0.10 -10.70 -1.54
CA LYS A 205 0.51 -10.91 -0.15
C LYS A 205 1.73 -10.08 0.21
N TYR A 206 2.80 -10.21 -0.60
CA TYR A 206 4.07 -9.57 -0.30
C TYR A 206 4.15 -8.11 -0.76
N LYS A 207 3.53 -7.80 -1.90
CA LYS A 207 3.66 -6.44 -2.47
C LYS A 207 2.81 -5.37 -1.80
N THR A 208 1.74 -5.76 -1.10
CA THR A 208 0.89 -4.76 -0.42
C THR A 208 0.48 -5.07 1.02
N THR A 209 0.11 -6.32 1.31
CA THR A 209 -0.54 -6.65 2.59
C THR A 209 0.31 -6.39 3.85
N PHE A 210 1.63 -6.54 3.73
CA PHE A 210 2.54 -6.34 4.85
C PHE A 210 2.61 -4.89 5.33
N TYR A 211 2.71 -3.95 4.40
CA TYR A 211 2.84 -2.53 4.75
C TYR A 211 1.50 -1.79 4.80
N THR A 212 0.49 -2.34 4.13
CA THR A 212 -0.82 -1.68 4.05
C THR A 212 -1.68 -1.96 5.27
N TYR A 213 -1.58 -3.17 5.83
CA TYR A 213 -2.41 -3.56 6.96
C TYR A 213 -1.66 -4.15 8.15
N LEU A 214 -0.72 -5.04 7.89
CA LEU A 214 0.04 -5.66 8.98
C LEU A 214 0.83 -4.63 9.79
N LEU A 215 1.61 -3.81 9.10
CA LEU A 215 2.46 -2.79 9.75
C LEU A 215 1.67 -1.75 10.56
N PRO A 216 0.62 -1.12 9.96
CA PRO A 216 -0.17 -0.14 10.74
C PRO A 216 -0.86 -0.72 11.98
N LEU A 217 -1.31 -1.97 11.90
CA LEU A 217 -2.01 -2.61 13.02
C LEU A 217 -1.06 -2.96 14.17
N VAL A 218 0.12 -3.45 13.84
CA VAL A 218 1.12 -3.80 14.85
C VAL A 218 1.83 -2.55 15.39
N MET A 219 1.98 -1.53 14.54
CA MET A 219 2.53 -0.24 14.94
C MET A 219 1.70 0.37 16.08
N GLY A 220 0.38 0.36 15.90
CA GLY A 220 -0.57 0.84 16.92
C GLY A 220 -0.52 0.02 18.20
N LEU A 221 -0.16 -1.26 18.05
CA LEU A 221 0.03 -2.15 19.20
C LEU A 221 1.34 -1.86 19.95
N PHE A 222 2.40 -1.56 19.19
CA PHE A 222 3.70 -1.22 19.76
C PHE A 222 3.67 0.05 20.60
N VAL A 223 3.04 1.10 20.07
CA VAL A 223 2.95 2.39 20.76
C VAL A 223 2.00 2.34 21.97
N SER A 224 1.14 1.33 21.98
CA SER A 224 0.19 1.11 23.07
C SER A 224 0.72 0.11 24.10
N GLU A 225 1.84 -0.55 23.76
CA GLU A 225 2.42 -1.63 24.57
C GLU A 225 1.44 -2.78 24.77
N ALA A 226 0.66 -3.08 23.72
CA ALA A 226 -0.45 -4.02 23.82
C ALA A 226 -0.33 -5.22 22.87
N ALA A 227 0.90 -5.55 22.46
CA ALA A 227 1.16 -6.69 21.59
C ALA A 227 0.85 -8.03 22.26
N ALA A 228 0.97 -8.05 23.60
CA ALA A 228 0.68 -9.25 24.38
C ALA A 228 -0.81 -9.53 24.51
N SER A 229 -1.62 -8.48 24.40
CA SER A 229 -3.08 -8.60 24.53
C SER A 229 -3.75 -9.17 23.27
N VAL A 230 -2.97 -9.42 22.23
CA VAL A 230 -3.49 -10.00 20.99
C VAL A 230 -2.77 -11.30 20.61
N GLU A 231 -3.47 -12.16 19.87
CA GLU A 231 -2.85 -13.31 19.22
C GLU A 231 -2.33 -12.84 17.86
N MET A 232 -1.01 -12.88 17.69
CA MET A 232 -0.35 -12.33 16.51
C MET A 232 -0.72 -13.08 15.22
N ASN A 233 -0.88 -14.40 15.32
CA ASN A 233 -1.31 -15.22 14.19
C ASN A 233 -2.63 -14.76 13.57
N LEU A 234 -3.54 -14.28 14.42
CA LEU A 234 -4.80 -13.70 13.96
C LEU A 234 -4.61 -12.35 13.27
N VAL A 235 -3.70 -11.55 13.83
CA VAL A 235 -3.35 -10.24 13.26
C VAL A 235 -2.75 -10.41 11.86
N GLU A 236 -1.86 -11.40 11.72
CA GLU A 236 -1.28 -11.74 10.42
C GLU A 236 -2.36 -12.17 9.43
N ARG A 237 -3.24 -13.06 9.86
CA ARG A 237 -4.28 -13.63 9.00
C ARG A 237 -5.33 -12.62 8.56
N VAL A 238 -5.71 -11.71 9.45
CA VAL A 238 -6.73 -10.70 9.14
C VAL A 238 -6.15 -9.57 8.27
N ALA A 239 -4.87 -9.27 8.45
CA ALA A 239 -4.21 -8.22 7.68
C ALA A 239 -3.95 -8.66 6.25
N HIS A 240 -3.61 -9.94 6.06
CA HIS A 240 -3.37 -10.49 4.74
C HIS A 240 -4.67 -10.68 3.95
N LEU A 241 -5.78 -10.82 4.68
CA LEU A 241 -7.09 -11.02 4.07
C LEU A 241 -7.70 -9.70 3.58
N ILE A 242 -7.72 -8.70 4.45
CA ILE A 242 -8.21 -7.36 4.09
C ILE A 242 -7.25 -6.72 3.07
N GLY A 243 -5.95 -6.98 3.24
CA GLY A 243 -4.92 -6.51 2.32
C GLY A 243 -5.10 -7.02 0.89
N GLU A 244 -5.38 -8.31 0.76
CA GLU A 244 -5.65 -8.91 -0.54
C GLU A 244 -6.88 -8.26 -1.18
N TYR A 245 -7.96 -8.17 -0.39
CA TYR A 245 -9.20 -7.53 -0.82
C TYR A 245 -8.96 -6.09 -1.30
N PHE A 246 -8.11 -5.37 -0.56
CA PHE A 246 -7.73 -3.99 -0.90
C PHE A 246 -7.08 -3.90 -2.29
N GLN A 247 -6.22 -4.85 -2.62
CA GLN A 247 -5.56 -4.89 -3.92
C GLN A 247 -6.50 -5.31 -5.05
N VAL A 248 -7.46 -6.18 -4.73
CA VAL A 248 -8.49 -6.58 -5.69
C VAL A 248 -9.33 -5.36 -6.09
N GLN A 249 -9.73 -4.56 -5.10
CA GLN A 249 -10.39 -3.28 -5.33
C GLN A 249 -9.56 -2.43 -6.28
N ASP A 250 -8.27 -2.29 -5.95
CA ASP A 250 -7.32 -1.51 -6.74
C ASP A 250 -7.24 -1.97 -8.19
N ASP A 251 -7.28 -3.30 -8.39
CA ASP A 251 -7.24 -3.90 -9.71
C ASP A 251 -8.51 -3.62 -10.52
N VAL A 252 -9.66 -3.65 -9.86
CA VAL A 252 -10.95 -3.38 -10.51
C VAL A 252 -11.06 -1.91 -10.93
N MET A 253 -10.61 -1.01 -10.04
CA MET A 253 -10.69 0.43 -10.28
C MET A 253 -9.75 0.89 -11.39
N ASP A 254 -8.60 0.22 -11.50
CA ASP A 254 -7.61 0.46 -12.56
C ASP A 254 -8.25 0.38 -13.95
N CYS A 255 -9.27 -0.47 -14.07
CA CYS A 255 -9.96 -0.72 -15.33
C CYS A 255 -11.28 0.04 -15.45
N PHE A 256 -12.09 0.02 -14.39
CA PHE A 256 -13.49 0.48 -14.47
C PHE A 256 -13.80 1.82 -13.80
N THR A 257 -12.88 2.35 -13.02
CA THR A 257 -13.07 3.65 -12.36
C THR A 257 -12.41 4.77 -13.16
N PRO A 258 -13.20 5.79 -13.55
CA PRO A 258 -12.69 6.96 -14.29
C PRO A 258 -11.58 7.68 -13.53
N PRO A 259 -10.53 8.14 -14.24
CA PRO A 259 -9.36 8.76 -13.63
C PRO A 259 -9.67 10.00 -12.78
N GLU A 260 -10.67 10.78 -13.18
CA GLU A 260 -11.06 12.00 -12.47
C GLU A 260 -11.40 11.76 -10.99
N GLN A 261 -12.04 10.63 -10.71
CA GLN A 261 -12.39 10.25 -9.34
C GLN A 261 -11.39 9.27 -8.70
N LEU A 262 -10.61 8.59 -9.53
CA LEU A 262 -9.60 7.64 -9.04
C LEU A 262 -8.31 8.35 -8.62
N GLY A 263 -7.87 9.31 -9.42
CA GLY A 263 -6.62 10.02 -9.16
C GLY A 263 -5.43 9.42 -9.90
N LYS A 264 -5.64 8.26 -10.51
CA LYS A 264 -4.61 7.62 -11.34
C LYS A 264 -5.20 7.25 -12.70
N VAL A 265 -4.32 6.95 -13.66
CA VAL A 265 -4.74 6.33 -14.91
C VAL A 265 -4.27 4.87 -14.91
N GLY A 266 -5.13 3.97 -15.40
CA GLY A 266 -4.83 2.55 -15.43
C GLY A 266 -3.74 2.18 -16.42
N THR A 267 -2.92 1.19 -16.05
CA THR A 267 -1.87 0.67 -16.91
C THR A 267 -1.76 -0.86 -16.90
N ASP A 268 -2.58 -1.52 -16.07
CA ASP A 268 -2.49 -2.97 -15.86
C ASP A 268 -2.59 -3.79 -17.15
N ILE A 269 -3.59 -3.48 -17.97
CA ILE A 269 -3.78 -4.15 -19.27
C ILE A 269 -2.59 -3.90 -20.20
N GLU A 270 -2.16 -2.65 -20.28
CA GLU A 270 -1.03 -2.24 -21.13
C GLU A 270 0.29 -2.87 -20.67
N ASP A 271 0.49 -2.97 -19.36
CA ASP A 271 1.70 -3.55 -18.78
C ASP A 271 1.65 -5.09 -18.74
N ALA A 272 0.50 -5.64 -19.11
CA ALA A 272 0.24 -7.09 -19.06
C ALA A 272 0.31 -7.64 -17.63
N LYS A 273 -0.21 -6.88 -16.68
CA LYS A 273 -0.13 -7.23 -15.26
C LYS A 273 -1.02 -8.40 -14.87
N CYS A 274 -0.49 -9.24 -13.97
CA CYS A 274 -1.26 -10.34 -13.38
C CYS A 274 -2.25 -9.76 -12.37
N SER A 275 -3.27 -9.07 -12.87
CA SER A 275 -4.28 -8.45 -12.03
C SER A 275 -5.39 -9.44 -11.73
N TRP A 276 -6.24 -9.10 -10.76
CA TRP A 276 -7.37 -9.95 -10.38
C TRP A 276 -8.33 -10.18 -11.56
N LEU A 277 -8.59 -9.11 -12.32
CA LEU A 277 -9.50 -9.17 -13.46
C LEU A 277 -9.05 -10.14 -14.55
N ALA A 278 -7.76 -10.16 -14.85
CA ALA A 278 -7.19 -11.06 -15.85
C ALA A 278 -7.24 -12.52 -15.39
N VAL A 279 -6.93 -12.74 -14.12
CA VAL A 279 -6.95 -14.07 -13.52
C VAL A 279 -8.39 -14.61 -13.44
N THR A 280 -9.31 -13.77 -13.01
CA THR A 280 -10.73 -14.13 -12.91
C THR A 280 -11.34 -14.37 -14.29
N PHE A 281 -10.90 -13.58 -15.28
CA PHE A 281 -11.34 -13.75 -16.67
C PHE A 281 -10.94 -15.11 -17.22
N LEU A 282 -9.66 -15.45 -17.08
CA LEU A 282 -9.12 -16.73 -17.54
C LEU A 282 -9.68 -17.92 -16.76
N GLY A 283 -10.29 -17.64 -15.60
CA GLY A 283 -10.90 -18.66 -14.77
C GLY A 283 -12.34 -18.99 -15.09
N LYS A 284 -12.89 -18.35 -16.12
CA LYS A 284 -14.29 -18.58 -16.51
C LYS A 284 -14.54 -18.49 -18.02
N ALA A 285 -13.55 -17.99 -18.75
CA ALA A 285 -13.70 -17.77 -20.20
C ALA A 285 -13.66 -19.06 -21.00
N ASN A 286 -14.37 -19.07 -22.12
CA ASN A 286 -14.32 -20.19 -23.07
C ASN A 286 -13.13 -20.09 -24.01
N ALA A 287 -12.90 -21.13 -24.81
CA ALA A 287 -11.74 -21.22 -25.70
C ALA A 287 -11.52 -19.97 -26.56
N ALA A 288 -12.59 -19.51 -27.22
CA ALA A 288 -12.52 -18.34 -28.10
C ALA A 288 -12.20 -17.05 -27.35
N GLN A 289 -12.80 -16.91 -26.16
CA GLN A 289 -12.58 -15.74 -25.31
C GLN A 289 -11.11 -15.63 -24.88
N VAL A 290 -10.50 -16.76 -24.53
CA VAL A 290 -9.09 -16.83 -24.17
C VAL A 290 -8.20 -16.36 -25.34
N ALA A 291 -8.50 -16.87 -26.53
CA ALA A 291 -7.74 -16.54 -27.75
C ALA A 291 -7.78 -15.06 -28.10
N GLU A 292 -8.94 -14.43 -27.90
CA GLU A 292 -9.10 -12.99 -28.14
C GLU A 292 -8.37 -12.17 -27.08
N PHE A 293 -8.35 -12.69 -25.84
CA PHE A 293 -7.58 -12.11 -24.75
C PHE A 293 -6.08 -12.14 -25.07
N LYS A 294 -5.61 -13.30 -25.54
CA LYS A 294 -4.20 -13.50 -25.87
C LYS A 294 -3.72 -12.63 -27.03
N ALA A 295 -4.63 -12.25 -27.91
CA ALA A 295 -4.29 -11.47 -29.10
C ALA A 295 -4.33 -9.95 -28.87
N ASN A 296 -4.75 -9.53 -27.68
CA ASN A 296 -4.95 -8.11 -27.38
C ASN A 296 -4.34 -7.60 -26.07
N TYR A 297 -4.04 -8.51 -25.15
CA TYR A 297 -3.49 -8.15 -23.84
C TYR A 297 -2.01 -7.77 -23.92
N GLY A 298 -1.60 -6.83 -23.07
CA GLY A 298 -0.20 -6.42 -22.97
C GLY A 298 0.30 -5.52 -24.09
N ASP A 299 -0.56 -4.62 -24.55
CA ASP A 299 -0.23 -3.70 -25.64
C ASP A 299 -0.79 -2.31 -25.37
N LYS A 300 0.01 -1.29 -25.74
CA LYS A 300 -0.35 0.11 -25.50
C LYS A 300 -1.45 0.62 -26.44
N ASP A 301 -1.69 -0.11 -27.52
CA ASP A 301 -2.74 0.21 -28.50
C ASP A 301 -4.09 0.36 -27.83
N PRO A 302 -4.71 1.56 -27.93
CA PRO A 302 -6.04 1.83 -27.37
C PRO A 302 -7.12 0.86 -27.86
N ALA A 303 -7.04 0.46 -29.13
CA ALA A 303 -8.00 -0.48 -29.72
C ALA A 303 -7.91 -1.87 -29.10
N LYS A 304 -6.68 -2.31 -28.82
CA LYS A 304 -6.44 -3.62 -28.20
C LYS A 304 -6.88 -3.62 -26.73
N VAL A 305 -6.62 -2.51 -26.03
CA VAL A 305 -7.05 -2.33 -24.64
C VAL A 305 -8.58 -2.33 -24.56
N ALA A 306 -9.22 -1.67 -25.52
CA ALA A 306 -10.68 -1.60 -25.61
C ALA A 306 -11.31 -2.99 -25.76
N VAL A 307 -10.64 -3.86 -26.51
CA VAL A 307 -11.09 -5.24 -26.70
C VAL A 307 -11.02 -6.02 -25.38
N VAL A 308 -9.94 -5.81 -24.62
CA VAL A 308 -9.76 -6.44 -23.32
C VAL A 308 -10.83 -5.98 -22.32
N LYS A 309 -11.09 -4.67 -22.28
CA LYS A 309 -12.13 -4.12 -21.42
C LYS A 309 -13.53 -4.61 -21.79
N ARG A 310 -13.77 -4.75 -23.10
CA ARG A 310 -15.02 -5.31 -23.62
C ARG A 310 -15.19 -6.75 -23.17
N LEU A 311 -14.11 -7.54 -23.27
CA LEU A 311 -14.11 -8.94 -22.84
C LEU A 311 -14.45 -9.08 -21.35
N TYR A 312 -13.90 -8.18 -20.53
CA TYR A 312 -14.18 -8.16 -19.10
C TYR A 312 -15.65 -7.84 -18.80
N SER A 313 -16.20 -6.88 -19.56
CA SER A 313 -17.59 -6.45 -19.40
C SER A 313 -18.58 -7.54 -19.79
N GLU A 314 -18.24 -8.28 -20.85
CA GLU A 314 -19.09 -9.36 -21.35
C GLU A 314 -18.98 -10.62 -20.51
N ALA A 315 -17.85 -10.78 -19.81
CA ALA A 315 -17.62 -11.95 -18.95
C ALA A 315 -18.22 -11.78 -17.55
N ASN A 316 -18.94 -10.68 -17.34
CA ASN A 316 -19.68 -10.41 -16.12
C ASN A 316 -18.84 -10.57 -14.83
N LEU A 317 -17.69 -9.90 -14.82
CA LEU A 317 -16.76 -9.99 -13.69
C LEU A 317 -17.25 -9.23 -12.45
N GLN A 318 -18.32 -8.46 -12.61
CA GLN A 318 -18.99 -7.77 -11.50
C GLN A 318 -19.66 -8.77 -10.55
N ALA A 319 -20.18 -9.86 -11.11
CA ALA A 319 -20.79 -10.94 -10.33
C ALA A 319 -19.73 -11.77 -9.61
N ASP A 320 -18.54 -11.85 -10.19
CA ASP A 320 -17.42 -12.58 -9.60
C ASP A 320 -16.81 -11.82 -8.42
N PHE A 321 -16.76 -10.49 -8.53
CA PHE A 321 -16.28 -9.65 -7.44
C PHE A 321 -17.24 -9.66 -6.25
N ALA A 322 -18.53 -9.63 -6.54
CA ALA A 322 -19.58 -9.71 -5.52
C ALA A 322 -19.53 -11.04 -4.77
N ALA A 323 -19.27 -12.12 -5.50
CA ALA A 323 -19.10 -13.44 -4.93
C ALA A 323 -17.81 -13.53 -4.11
N TYR A 324 -16.77 -12.84 -4.56
CA TYR A 324 -15.49 -12.78 -3.85
C TYR A 324 -15.62 -11.92 -2.58
N GLU A 325 -16.28 -10.77 -2.73
CA GLU A 325 -16.53 -9.86 -1.61
C GLU A 325 -17.32 -10.53 -0.50
N ALA A 326 -18.38 -11.26 -0.88
CA ALA A 326 -19.23 -11.99 0.07
C ALA A 326 -18.44 -13.00 0.88
N GLU A 327 -17.48 -13.66 0.23
CA GLU A 327 -16.60 -14.63 0.91
C GLU A 327 -15.63 -13.94 1.87
N VAL A 328 -15.07 -12.81 1.44
CA VAL A 328 -14.15 -12.02 2.28
C VAL A 328 -14.85 -11.51 3.53
N VAL A 329 -16.08 -11.00 3.36
CA VAL A 329 -16.92 -10.56 4.47
C VAL A 329 -17.09 -11.69 5.51
N ARG A 330 -17.40 -12.89 5.03
CA ARG A 330 -17.51 -14.08 5.89
C ARG A 330 -16.26 -14.33 6.72
N GLU A 331 -15.11 -14.28 6.07
CA GLU A 331 -13.84 -14.63 6.72
C GLU A 331 -13.27 -13.53 7.61
N VAL A 332 -13.48 -12.26 7.23
CA VAL A 332 -13.09 -11.11 8.05
C VAL A 332 -13.96 -11.03 9.31
N GLU A 333 -15.26 -11.26 9.14
CA GLU A 333 -16.23 -11.32 10.24
C GLU A 333 -15.84 -12.41 11.24
N SER A 334 -15.40 -13.56 10.70
CA SER A 334 -14.96 -14.70 11.49
C SER A 334 -13.73 -14.39 12.33
N LEU A 335 -12.76 -13.71 11.73
CA LEU A 335 -11.51 -13.38 12.39
C LEU A 335 -11.65 -12.29 13.44
N ILE A 336 -12.55 -11.33 13.19
CA ILE A 336 -12.85 -10.27 14.15
C ILE A 336 -13.49 -10.86 15.41
N GLU A 337 -14.34 -11.86 15.24
CA GLU A 337 -14.94 -12.58 16.36
C GLU A 337 -13.90 -13.35 17.16
N GLN A 338 -12.90 -13.91 16.47
CA GLN A 338 -11.80 -14.61 17.13
C GLN A 338 -10.87 -13.66 17.89
N LEU A 339 -10.75 -12.43 17.40
CA LEU A 339 -9.95 -11.39 18.07
C LEU A 339 -10.58 -10.87 19.36
N LYS A 340 -11.90 -11.00 19.48
CA LYS A 340 -12.63 -10.55 20.66
C LYS A 340 -12.28 -11.31 21.93
N VAL A 341 -11.77 -12.54 21.77
CA VAL A 341 -11.45 -13.42 22.90
C VAL A 341 -10.44 -12.80 23.86
N LYS A 342 -9.37 -12.22 23.30
CA LYS A 342 -8.31 -11.62 24.11
C LYS A 342 -8.31 -10.09 24.11
N SER A 343 -8.74 -9.48 23.00
CA SER A 343 -8.83 -8.03 22.91
C SER A 343 -10.01 -7.55 22.05
N PRO A 344 -11.13 -7.22 22.71
CA PRO A 344 -12.33 -6.72 22.02
C PRO A 344 -12.11 -5.35 21.37
N THR A 345 -11.28 -4.52 21.99
CA THR A 345 -11.03 -3.16 21.51
C THR A 345 -10.19 -3.16 20.23
N PHE A 346 -9.26 -4.10 20.13
CA PHE A 346 -8.50 -4.31 18.91
C PHE A 346 -9.39 -4.87 17.80
N ALA A 347 -10.34 -5.72 18.19
CA ALA A 347 -11.31 -6.30 17.25
C ALA A 347 -12.23 -5.24 16.67
N GLU A 348 -12.58 -4.24 17.48
CA GLU A 348 -13.37 -3.09 17.03
C GLU A 348 -12.54 -2.23 16.05
N SER A 349 -11.27 -2.03 16.37
CA SER A 349 -10.35 -1.30 15.50
C SER A 349 -10.30 -1.91 14.10
N VAL A 350 -10.15 -3.23 14.05
CA VAL A 350 -10.14 -3.98 12.79
C VAL A 350 -11.47 -3.83 12.05
N ALA A 351 -12.57 -3.83 12.81
CA ALA A 351 -13.91 -3.64 12.25
C ALA A 351 -14.08 -2.28 11.57
N VAL A 352 -13.52 -1.25 12.18
CA VAL A 352 -13.53 0.11 11.60
C VAL A 352 -12.68 0.14 10.32
N VAL A 353 -11.45 -0.37 10.43
CA VAL A 353 -10.53 -0.49 9.30
C VAL A 353 -11.20 -1.21 8.12
N TRP A 354 -11.83 -2.35 8.39
CA TRP A 354 -12.53 -3.12 7.37
C TRP A 354 -13.69 -2.35 6.74
N GLU A 355 -14.45 -1.63 7.57
CA GLU A 355 -15.58 -0.82 7.09
C GLU A 355 -15.11 0.25 6.08
N LYS A 356 -14.02 0.94 6.41
CA LYS A 356 -13.44 1.97 5.54
C LYS A 356 -12.91 1.39 4.24
N THR A 357 -12.31 0.19 4.32
CA THR A 357 -11.79 -0.53 3.15
C THR A 357 -12.93 -0.99 2.24
N HIS A 358 -13.98 -1.53 2.86
CA HIS A 358 -15.13 -2.07 2.16
C HIS A 358 -15.93 -0.98 1.44
N LYS A 359 -16.02 0.20 2.05
CA LYS A 359 -16.84 1.30 1.54
C LYS A 359 -16.12 2.26 0.58
N ARG A 360 -14.80 2.11 0.43
CA ARG A 360 -14.00 3.06 -0.36
C ARG A 360 -14.35 3.08 -1.84
N LYS A 361 -14.35 4.29 -2.41
CA LYS A 361 -14.65 4.50 -3.83
C LYS A 361 -13.44 5.08 -4.56
N LYS A 362 -12.34 5.24 -3.85
CA LYS A 362 -11.06 5.67 -4.41
C LYS A 362 -9.90 5.24 -3.53
MG MG B . 1.46 1.00 -10.13
MG MG C . -2.90 -0.92 -9.26
MG MG D . 2.90 -1.73 -9.61
O17 ZOL E . 1.16 -0.84 -9.12
P14 ZOL E . 0.10 -1.40 -8.21
O16 ZOL E . 0.58 -2.55 -7.35
O15 ZOL E . -1.20 -1.72 -8.90
C8 ZOL E . -0.31 -0.06 -7.06
P9 ZOL E . -0.93 1.40 -7.96
O10 ZOL E . 0.24 1.91 -8.78
O11 ZOL E . -1.37 2.33 -6.87
O12 ZOL E . -2.08 0.91 -8.81
O13 ZOL E . -1.36 -0.53 -6.22
C7 ZOL E . 0.89 0.39 -6.19
N15 ZOL E . 1.43 -0.73 -5.41
C16 ZOL E . 0.80 -1.41 -4.44
N17 ZOL E . 1.63 -2.35 -3.95
C18 ZOL E . 2.80 -2.27 -4.63
C19 ZOL E . 2.66 -1.24 -5.54
S SO4 F . -3.94 6.00 0.77
O1 SO4 F . -4.19 4.83 -0.06
O2 SO4 F . -4.73 5.91 1.99
O3 SO4 F . -4.30 7.21 0.03
O4 SO4 F . -2.52 6.05 1.11
C1 IPE G . -2.43 2.50 -3.41
O1 IPE G . -2.67 2.72 -2.02
C2 IPE G . -1.42 1.36 -3.57
C3 IPE G . -1.99 0.05 -3.09
C4 IPE G . -3.01 -0.53 -3.69
C5 IPE G . -1.38 -0.62 -1.89
PA IPE G . -3.67 3.88 -1.52
O1A IPE G . -5.00 3.67 -2.20
O2A IPE G . -3.61 3.92 -0.02
O3A IPE G . -2.98 5.21 -2.11
PB IPE G . -3.13 6.65 -1.41
O1B IPE G . -2.13 6.63 -0.28
O2B IPE G . -4.57 6.73 -0.97
O3B IPE G . -2.78 7.62 -2.52
#